data_6FUE
#
_entry.id   6FUE
#
_cell.length_a   37.590
_cell.length_b   37.700
_cell.length_c   57.340
_cell.angle_alpha   90.24
_cell.angle_beta   108.95
_cell.angle_gamma   119.89
#
_symmetry.space_group_name_H-M   'P 1'
#
loop_
_entity.id
_entity.type
_entity.pdbx_description
1 polymer FapF
2 non-polymer 'ZINC ION'
3 non-polymer 'SODIUM ION'
4 non-polymer 'ISOPROPYL ALCOHOL'
5 water water
#
_entity_poly.entity_id   1
_entity_poly.type   'polypeptide(L)'
_entity_poly.pdbx_seq_one_letter_code
;DVDIETLKQELLELKQRYEAQQKALAVLEQRVRQVEDQ
;
_entity_poly.pdbx_strand_id   A,B,C,D,E,F
#
loop_
_chem_comp.id
_chem_comp.type
_chem_comp.name
_chem_comp.formula
IPA non-polymer 'ISOPROPYL ALCOHOL' 'C3 H8 O'
NA non-polymer 'SODIUM ION' 'Na 1'
ZN non-polymer 'ZINC ION' 'Zn 2'
#
# COMPACT_ATOMS: atom_id res chain seq x y z
N ASP A 1 14.72 18.41 16.90
CA ASP A 1 15.40 17.38 16.02
C ASP A 1 14.44 16.27 15.61
N VAL A 2 13.79 15.64 16.59
CA VAL A 2 12.80 14.59 16.33
C VAL A 2 11.45 15.02 16.81
N ASP A 3 10.47 14.88 15.96
CA ASP A 3 9.09 15.21 16.30
C ASP A 3 8.40 13.94 16.70
N ILE A 4 8.01 13.81 17.98
CA ILE A 4 7.45 12.57 18.49
C ILE A 4 6.03 12.19 17.98
N GLU A 5 5.21 13.18 17.73
CA GLU A 5 3.91 12.88 17.13
C GLU A 5 4.15 12.30 15.74
N THR A 6 5.06 12.90 14.98
CA THR A 6 5.39 12.43 13.64
C THR A 6 5.88 10.98 13.72
N LEU A 7 6.80 10.69 14.65
CA LEU A 7 7.24 9.27 14.82
CA LEU A 7 7.26 9.30 14.87
C LEU A 7 6.07 8.30 15.07
N LYS A 8 5.12 8.64 15.95
CA LYS A 8 3.98 7.79 16.19
C LYS A 8 3.12 7.62 14.93
N GLN A 9 2.90 8.73 14.27
CA GLN A 9 2.10 8.70 13.02
C GLN A 9 2.73 7.75 11.97
N GLU A 10 4.02 7.91 11.75
CA GLU A 10 4.75 7.08 10.79
C GLU A 10 4.79 5.61 11.20
N LEU A 11 4.91 5.31 12.52
CA LEU A 11 4.81 3.93 12.92
C LEU A 11 3.46 3.30 12.63
N LEU A 12 2.38 4.03 12.88
CA LEU A 12 1.06 3.51 12.51
C LEU A 12 0.89 3.35 10.98
N GLU A 13 1.49 4.24 10.21
CA GLU A 13 1.41 4.11 8.73
C GLU A 13 2.16 2.86 8.24
N LEU A 14 3.28 2.58 8.90
CA LEU A 14 4.06 1.39 8.55
C LEU A 14 3.33 0.10 8.99
N LYS A 15 2.69 0.15 10.14
CA LYS A 15 1.81 -0.93 10.52
C LYS A 15 0.73 -1.23 9.48
N GLN A 16 0.07 -0.21 8.95
CA GLN A 16 -0.94 -0.47 7.91
C GLN A 16 -0.27 -1.13 6.70
N ARG A 17 0.90 -0.64 6.34
CA ARG A 17 1.63 -1.23 5.20
C ARG A 17 1.99 -2.67 5.42
N TYR A 18 2.41 -3.00 6.62
CA TYR A 18 2.57 -4.40 6.96
C TYR A 18 1.31 -5.24 6.81
N GLU A 19 0.21 -4.72 7.27
CA GLU A 19 -1.05 -5.45 7.17
C GLU A 19 -1.42 -5.67 5.73
N ALA A 20 -1.15 -4.68 4.86
CA ALA A 20 -1.45 -4.87 3.41
C ALA A 20 -0.52 -5.91 2.78
N GLN A 21 0.74 -5.91 3.19
CA GLN A 21 1.65 -6.91 2.68
C GLN A 21 1.28 -8.33 3.11
N GLN A 22 0.82 -8.48 4.36
CA GLN A 22 0.30 -9.79 4.80
C GLN A 22 -0.78 -10.22 3.82
N LYS A 23 -1.69 -9.31 3.50
CA LYS A 23 -2.83 -9.71 2.63
C LYS A 23 -2.31 -10.05 1.21
N ALA A 24 -1.36 -9.30 0.72
CA ALA A 24 -0.71 -9.60 -0.59
C ALA A 24 0.02 -10.89 -0.62
N LEU A 25 0.76 -11.23 0.47
CA LEU A 25 1.35 -12.57 0.60
C LEU A 25 0.29 -13.69 0.47
N ALA A 26 -0.84 -13.46 1.10
CA ALA A 26 -1.92 -14.45 1.08
C ALA A 26 -2.55 -14.65 -0.34
N VAL A 27 -2.69 -13.54 -1.03
CA VAL A 27 -3.14 -13.56 -2.45
C VAL A 27 -2.15 -14.36 -3.31
N LEU A 28 -0.88 -14.07 -3.18
CA LEU A 28 0.13 -14.78 -3.96
C LEU A 28 0.11 -16.26 -3.55
N GLU A 29 -0.06 -16.55 -2.26
CA GLU A 29 -0.10 -17.94 -1.80
C GLU A 29 -1.20 -18.74 -2.53
N GLN A 30 -2.38 -18.17 -2.58
CA GLN A 30 -3.52 -18.75 -3.30
C GLN A 30 -3.20 -18.93 -4.80
N ARG A 31 -2.55 -17.95 -5.40
CA ARG A 31 -2.15 -18.10 -6.82
C ARG A 31 -1.22 -19.25 -7.08
N VAL A 32 -0.25 -19.42 -6.20
CA VAL A 32 0.69 -20.52 -6.31
C VAL A 32 -0.05 -21.85 -6.17
N ARG A 33 -0.94 -21.93 -5.23
CA ARG A 33 -1.69 -23.12 -4.97
C ARG A 33 -2.51 -23.48 -6.18
N GLN A 34 -3.03 -22.47 -6.85
CA GLN A 34 -3.82 -22.67 -8.03
C GLN A 34 -2.98 -23.32 -9.08
N VAL A 35 -1.74 -22.91 -9.20
CA VAL A 35 -0.85 -23.53 -10.15
C VAL A 35 -0.48 -24.94 -9.67
N GLU A 36 -0.26 -25.10 -8.38
CA GLU A 36 0.12 -26.40 -7.87
C GLU A 36 -0.87 -27.52 -8.01
N ASP A 37 -2.08 -27.35 -7.55
CA ASP A 37 -2.97 -28.48 -7.64
C ASP A 37 -3.70 -28.53 -8.98
N GLN A 38 -3.38 -27.62 -9.89
CA GLN A 38 -4.01 -27.63 -11.18
C GLN A 38 -3.89 -29.02 -11.81
N ASP B 1 -1.57 9.21 26.34
CA ASP B 1 -1.32 9.54 24.92
C ASP B 1 0.15 9.21 24.54
N VAL B 2 0.96 10.15 24.07
CA VAL B 2 2.28 9.74 23.53
C VAL B 2 3.36 9.25 24.46
N ASP B 3 3.33 7.95 24.70
CA ASP B 3 4.22 7.22 25.61
C ASP B 3 5.36 6.75 24.70
N ILE B 4 6.57 7.27 24.92
CA ILE B 4 7.79 6.93 24.21
C ILE B 4 8.21 5.45 24.40
N GLU B 5 8.06 4.93 25.61
CA GLU B 5 8.33 3.51 25.81
C GLU B 5 7.37 2.68 24.93
N THR B 6 6.12 3.10 24.84
CA THR B 6 5.11 2.41 23.99
C THR B 6 5.62 2.42 22.52
N LEU B 7 6.07 3.59 22.04
CA LEU B 7 6.64 3.66 20.67
CA LEU B 7 6.64 3.70 20.68
C LEU B 7 7.79 2.71 20.43
N LYS B 8 8.76 2.66 21.33
CA LYS B 8 9.85 1.74 21.22
C LYS B 8 9.36 0.27 21.21
N GLN B 9 8.47 -0.05 22.12
CA GLN B 9 7.90 -1.43 22.17
C GLN B 9 7.22 -1.83 20.85
N GLU B 10 6.41 -0.92 20.33
CA GLU B 10 5.72 -1.17 19.05
C GLU B 10 6.62 -1.25 17.85
N LEU B 11 7.69 -0.43 17.83
CA LEU B 11 8.72 -0.59 16.79
C LEU B 11 9.38 -1.96 16.81
N LEU B 12 9.75 -2.44 18.00
CA LEU B 12 10.28 -3.80 18.13
C LEU B 12 9.28 -4.89 17.70
N GLU B 13 8.04 -4.67 18.06
CA GLU B 13 6.99 -5.63 17.64
C GLU B 13 6.91 -5.73 16.10
N LEU B 14 6.91 -4.56 15.48
CA LEU B 14 6.86 -4.51 14.03
C LEU B 14 8.13 -5.09 13.34
N LYS B 15 9.29 -4.86 13.94
CA LYS B 15 10.50 -5.54 13.50
C LYS B 15 10.36 -7.07 13.47
N GLN B 16 9.75 -7.66 14.50
CA GLN B 16 9.55 -9.14 14.52
C GLN B 16 8.61 -9.56 13.42
N ARG B 17 7.59 -8.75 13.19
CA ARG B 17 6.67 -9.08 12.08
C ARG B 17 7.30 -8.97 10.73
N TYR B 18 8.15 -7.94 10.53
CA TYR B 18 9.03 -7.93 9.38
C TYR B 18 9.84 -9.25 9.17
N GLU B 19 10.46 -9.70 10.24
CA GLU B 19 11.26 -10.90 10.22
C GLU B 19 10.44 -12.08 9.85
N ALA B 20 9.23 -12.17 10.41
CA ALA B 20 8.36 -13.32 10.07
C ALA B 20 7.92 -13.25 8.59
N GLN B 21 7.62 -12.05 8.09
CA GLN B 21 7.26 -11.95 6.67
C GLN B 21 8.41 -12.31 5.73
N GLN B 22 9.64 -11.94 6.10
CA GLN B 22 10.78 -12.39 5.31
C GLN B 22 10.80 -13.92 5.24
N LYS B 23 10.57 -14.57 6.37
CA LYS B 23 10.63 -16.05 6.34
C LYS B 23 9.47 -16.65 5.49
N ALA B 24 8.32 -16.01 5.54
CA ALA B 24 7.18 -16.41 4.73
C ALA B 24 7.39 -16.18 3.28
N LEU B 25 7.99 -15.03 2.91
CA LEU B 25 8.40 -14.82 1.49
C LEU B 25 9.29 -15.98 1.03
N ALA B 26 10.20 -16.35 1.88
CA ALA B 26 11.13 -17.44 1.57
C ALA B 26 10.43 -18.84 1.35
N VAL B 27 9.45 -19.10 2.19
CA VAL B 27 8.59 -20.32 2.07
C VAL B 27 7.83 -20.29 0.74
N LEU B 28 7.23 -19.16 0.41
CA LEU B 28 6.49 -19.08 -0.81
C LEU B 28 7.47 -19.22 -1.99
N GLU B 29 8.68 -18.60 -1.89
CA GLU B 29 9.66 -18.70 -3.00
C GLU B 29 9.99 -20.15 -3.33
N GLN B 30 10.20 -20.95 -2.30
CA GLN B 30 10.48 -22.40 -2.49
C GLN B 30 9.30 -23.16 -3.06
N ARG B 31 8.10 -22.81 -2.62
CA ARG B 31 6.88 -23.37 -3.27
C ARG B 31 6.76 -23.05 -4.76
N VAL B 32 7.05 -21.80 -5.14
CA VAL B 32 7.10 -21.42 -6.57
C VAL B 32 8.13 -22.29 -7.30
N ARG B 33 9.28 -22.49 -6.67
CA ARG B 33 10.34 -23.28 -7.31
C ARG B 33 9.96 -24.71 -7.52
N GLN B 34 9.23 -25.28 -6.54
CA GLN B 34 8.68 -26.61 -6.63
C GLN B 34 7.77 -26.77 -7.85
N VAL B 35 6.97 -25.75 -8.16
CA VAL B 35 6.15 -25.76 -9.37
C VAL B 35 6.89 -25.43 -10.67
N GLU B 36 7.94 -24.59 -10.60
CA GLU B 36 8.82 -24.32 -11.77
C GLU B 36 9.53 -25.61 -12.21
N ASP B 37 10.06 -26.37 -11.23
CA ASP B 37 10.91 -27.55 -11.50
C ASP B 37 10.11 -28.85 -11.65
N GLN B 38 8.79 -28.81 -11.45
CA GLN B 38 7.92 -29.96 -11.70
C GLN B 38 6.62 -29.56 -12.42
N ASP C 1 19.46 12.16 20.46
CA ASP C 1 20.89 11.70 20.45
C ASP C 1 21.06 10.19 20.10
N VAL C 2 21.09 9.38 21.13
CA VAL C 2 21.27 8.06 21.03
C VAL C 2 19.96 7.32 21.47
N ASP C 3 18.81 8.00 21.70
CA ASP C 3 17.57 7.29 22.18
C ASP C 3 16.29 7.63 21.37
N ILE C 4 15.76 8.84 21.46
CA ILE C 4 14.70 9.24 20.54
C ILE C 4 15.18 9.32 19.06
N GLU C 5 16.41 9.80 18.86
N GLU C 5 16.40 9.80 18.87
CA GLU C 5 16.95 9.79 17.50
CA GLU C 5 16.96 9.81 17.53
C GLU C 5 17.19 8.34 17.07
C GLU C 5 17.19 8.35 17.08
N THR C 6 17.52 7.48 18.03
CA THR C 6 17.64 6.03 17.73
C THR C 6 16.28 5.50 17.20
N LEU C 7 15.19 5.80 17.91
CA LEU C 7 13.85 5.40 17.40
C LEU C 7 13.57 5.88 15.99
N LYS C 8 13.88 7.16 15.70
CA LYS C 8 13.68 7.68 14.41
C LYS C 8 14.57 6.97 13.36
N GLN C 9 15.82 6.76 13.72
CA GLN C 9 16.70 5.97 12.80
C GLN C 9 16.19 4.60 12.48
N GLU C 10 15.80 3.86 13.53
CA GLU C 10 15.23 2.51 13.36
C GLU C 10 13.92 2.44 12.58
N LEU C 11 13.03 3.44 12.76
CA LEU C 11 11.84 3.48 11.94
C LEU C 11 12.18 3.67 10.44
N LEU C 12 13.12 4.55 10.11
CA LEU C 12 13.55 4.69 8.75
C LEU C 12 14.18 3.42 8.15
N GLU C 13 14.97 2.76 9.00
CA GLU C 13 15.57 1.46 8.58
C GLU C 13 14.49 0.43 8.24
N LEU C 14 13.46 0.37 9.07
CA LEU C 14 12.33 -0.51 8.78
C LEU C 14 11.50 -0.14 7.57
N LYS C 15 11.28 1.15 7.35
CA LYS C 15 10.70 1.58 6.11
C LYS C 15 11.47 1.06 4.88
N GLN C 16 12.79 1.09 4.94
CA GLN C 16 13.58 0.56 3.79
C GLN C 16 13.36 -0.93 3.60
N ARG C 17 13.29 -1.64 4.70
CA ARG C 17 13.06 -3.08 4.65
C ARG C 17 11.68 -3.36 4.10
N TYR C 18 10.69 -2.59 4.51
CA TYR C 18 9.38 -2.65 3.88
C TYR C 18 9.42 -2.50 2.35
N GLU C 19 10.16 -1.50 1.90
CA GLU C 19 10.26 -1.22 0.49
C GLU C 19 10.94 -2.36 -0.24
N ALA C 20 11.97 -2.92 0.37
CA ALA C 20 12.67 -4.10 -0.22
C ALA C 20 11.71 -5.29 -0.32
N GLN C 21 10.89 -5.51 0.72
CA GLN C 21 9.94 -6.60 0.64
C GLN C 21 8.86 -6.36 -0.41
N GLN C 22 8.41 -5.09 -0.61
CA GLN C 22 7.44 -4.89 -1.69
C GLN C 22 8.09 -5.30 -3.03
N LYS C 23 9.37 -4.90 -3.23
CA LYS C 23 10.04 -5.24 -4.49
C LYS C 23 10.16 -6.78 -4.65
N ALA C 24 10.45 -7.46 -3.56
CA ALA C 24 10.54 -8.94 -3.57
C ALA C 24 9.23 -9.64 -3.80
N LEU C 25 8.15 -9.11 -3.22
CA LEU C 25 6.80 -9.59 -3.50
C LEU C 25 6.55 -9.48 -5.03
N ALA C 26 6.96 -8.39 -5.59
CA ALA C 26 6.71 -8.17 -7.03
C ALA C 26 7.53 -9.14 -7.94
N VAL C 27 8.79 -9.36 -7.57
CA VAL C 27 9.60 -10.38 -8.25
C VAL C 27 8.90 -11.75 -8.18
N LEU C 28 8.46 -12.15 -7.01
CA LEU C 28 7.87 -13.45 -6.85
C LEU C 28 6.55 -13.48 -7.65
N GLU C 29 5.84 -12.35 -7.71
CA GLU C 29 4.58 -12.29 -8.46
C GLU C 29 4.79 -12.59 -9.97
N GLN C 30 5.85 -12.03 -10.51
CA GLN C 30 6.23 -12.26 -11.91
C GLN C 30 6.68 -13.69 -12.11
N ARG C 31 7.35 -14.27 -11.13
CA ARG C 31 7.74 -15.69 -11.24
C ARG C 31 6.56 -16.64 -11.30
N VAL C 32 5.56 -16.39 -10.47
CA VAL C 32 4.28 -17.13 -10.50
C VAL C 32 3.59 -17.00 -11.87
N ARG C 33 3.53 -15.80 -12.40
CA ARG C 33 2.90 -15.61 -13.76
C ARG C 33 3.61 -16.38 -14.86
N GLN C 34 4.93 -16.46 -14.77
CA GLN C 34 5.66 -17.21 -15.79
C GLN C 34 5.35 -18.69 -15.72
N VAL C 35 5.29 -19.20 -14.50
CA VAL C 35 4.80 -20.54 -14.27
C VAL C 35 3.37 -20.69 -14.81
N GLU C 36 2.48 -19.75 -14.47
CA GLU C 36 1.05 -19.74 -14.90
C GLU C 36 0.88 -19.80 -16.41
N ASP C 37 1.59 -19.00 -17.21
CA ASP C 37 1.37 -19.12 -18.68
C ASP C 37 2.44 -19.95 -19.37
N GLN C 38 3.19 -20.72 -18.59
CA GLN C 38 4.18 -21.64 -19.14
C GLN C 38 3.80 -23.05 -18.74
N ASP D 3 -11.77 -4.14 -27.59
CA ASP D 3 -11.86 -4.14 -26.19
C ASP D 3 -10.76 -4.81 -25.39
N ILE D 4 -10.26 -6.01 -25.64
CA ILE D 4 -9.23 -6.52 -24.70
C ILE D 4 -7.90 -5.67 -24.58
N GLU D 5 -7.33 -5.27 -25.72
CA GLU D 5 -6.16 -4.39 -25.66
C GLU D 5 -6.55 -3.08 -24.97
N THR D 6 -7.72 -2.56 -25.32
CA THR D 6 -8.25 -1.33 -24.72
C THR D 6 -8.31 -1.51 -23.17
N LEU D 7 -8.89 -2.62 -22.71
CA LEU D 7 -8.95 -2.88 -21.23
CA LEU D 7 -8.97 -2.92 -21.27
C LEU D 7 -7.59 -2.84 -20.58
N LYS D 8 -6.60 -3.50 -21.21
CA LYS D 8 -5.28 -3.51 -20.66
C LYS D 8 -4.69 -2.08 -20.61
N GLN D 9 -4.85 -1.35 -21.70
CA GLN D 9 -4.37 0.03 -21.76
C GLN D 9 -4.99 0.89 -20.67
N GLU D 10 -6.32 0.82 -20.56
CA GLU D 10 -7.04 1.57 -19.54
C GLU D 10 -6.67 1.17 -18.07
N LEU D 11 -6.45 -0.13 -17.81
CA LEU D 11 -5.91 -0.51 -16.50
C LEU D 11 -4.56 0.12 -16.16
N LEU D 12 -3.62 0.12 -17.11
CA LEU D 12 -2.35 0.80 -16.89
C LEU D 12 -2.48 2.29 -16.68
N GLU D 13 -3.38 2.90 -17.41
CA GLU D 13 -3.67 4.33 -17.23
C GLU D 13 -4.17 4.62 -15.79
N LEU D 14 -5.06 3.76 -15.33
CA LEU D 14 -5.57 3.92 -13.95
C LEU D 14 -4.51 3.67 -12.89
N LYS D 15 -3.63 2.69 -13.12
CA LYS D 15 -2.49 2.53 -12.25
C LYS D 15 -1.60 3.77 -12.16
N GLN D 16 -1.35 4.46 -13.26
CA GLN D 16 -0.56 5.73 -13.19
C GLN D 16 -1.30 6.78 -12.38
N ARG D 17 -2.60 6.81 -12.54
CA ARG D 17 -3.45 7.76 -11.78
C ARG D 17 -3.38 7.49 -10.29
N TYR D 18 -3.49 6.21 -9.91
CA TYR D 18 -3.28 5.78 -8.55
C TYR D 18 -1.92 6.23 -7.99
N GLU D 19 -0.85 6.06 -8.78
CA GLU D 19 0.49 6.46 -8.34
C GLU D 19 0.58 7.96 -8.13
N ALA D 20 -0.05 8.73 -9.03
CA ALA D 20 -0.19 10.20 -8.84
C ALA D 20 -0.93 10.57 -7.56
N GLN D 21 -2.04 9.88 -7.26
CA GLN D 21 -2.75 10.20 -6.07
C GLN D 21 -1.96 9.80 -4.83
N GLN D 22 -1.18 8.72 -4.89
CA GLN D 22 -0.31 8.41 -3.71
C GLN D 22 0.65 9.60 -3.45
N LYS D 23 1.22 10.15 -4.54
CA LYS D 23 2.21 11.25 -4.34
C LYS D 23 1.48 12.49 -3.80
N ALA D 24 0.30 12.77 -4.32
CA ALA D 24 -0.52 13.90 -3.78
C ALA D 24 -0.93 13.76 -2.31
N LEU D 25 -1.31 12.53 -1.91
CA LEU D 25 -1.57 12.22 -0.49
C LEU D 25 -0.36 12.56 0.36
N ALA D 26 0.81 12.25 -0.14
CA ALA D 26 2.06 12.53 0.62
C ALA D 26 2.36 14.04 0.72
N VAL D 27 2.12 14.72 -0.37
CA VAL D 27 2.22 16.21 -0.39
C VAL D 27 1.28 16.82 0.67
N LEU D 28 0.03 16.39 0.67
CA LEU D 28 -0.93 16.89 1.61
C LEU D 28 -0.49 16.51 3.05
N GLU D 29 0.06 15.33 3.24
CA GLU D 29 0.49 14.88 4.56
C GLU D 29 1.52 15.80 5.13
N GLN D 30 2.49 16.21 4.32
CA GLN D 30 3.53 17.16 4.73
C GLN D 30 2.97 18.54 4.96
N ARG D 31 1.99 18.97 4.18
CA ARG D 31 1.31 20.25 4.48
C ARG D 31 0.66 20.29 5.85
N VAL D 32 -0.06 19.22 6.18
CA VAL D 32 -0.65 19.08 7.51
C VAL D 32 0.40 19.14 8.62
N ARG D 33 1.53 18.47 8.42
CA ARG D 33 2.58 18.48 9.43
C ARG D 33 3.18 19.84 9.64
N GLN D 34 3.30 20.60 8.56
CA GLN D 34 3.69 21.98 8.70
C GLN D 34 2.78 22.81 9.59
N VAL D 35 1.46 22.60 9.51
CA VAL D 35 0.52 23.29 10.41
C VAL D 35 0.50 22.66 11.82
N GLU D 36 0.76 21.35 11.92
CA GLU D 36 0.94 20.69 13.22
C GLU D 36 2.16 21.28 13.94
N ASP D 37 3.23 21.54 13.18
CA ASP D 37 4.52 22.00 13.73
C ASP D 37 4.60 23.50 14.02
N GLN D 38 3.75 24.31 13.38
CA GLN D 38 3.78 25.77 13.55
C GLN D 38 2.37 26.36 13.57
N VAL E 2 -1.82 -9.99 -24.48
CA VAL E 2 -2.86 -9.75 -23.38
C VAL E 2 -3.33 -11.04 -22.69
N ASP E 3 -2.95 -11.21 -21.45
CA ASP E 3 -3.38 -12.36 -20.64
C ASP E 3 -4.61 -11.92 -19.82
N ILE E 4 -5.77 -12.52 -20.08
CA ILE E 4 -7.00 -12.17 -19.39
C ILE E 4 -7.02 -12.47 -17.84
N GLU E 5 -6.46 -13.60 -17.44
CA GLU E 5 -6.29 -13.84 -16.01
C GLU E 5 -5.43 -12.72 -15.34
N THR E 6 -4.36 -12.34 -16.01
CA THR E 6 -3.43 -11.29 -15.52
C THR E 6 -4.26 -9.98 -15.36
N LEU E 7 -5.00 -9.56 -16.38
CA LEU E 7 -5.89 -8.39 -16.22
CA LEU E 7 -5.90 -8.41 -16.27
C LEU E 7 -6.79 -8.46 -15.01
N LYS E 8 -7.48 -9.59 -14.80
CA LYS E 8 -8.35 -9.71 -13.65
C LYS E 8 -7.56 -9.61 -12.33
N GLN E 9 -6.40 -10.26 -12.30
CA GLN E 9 -5.59 -10.20 -11.06
C GLN E 9 -5.16 -8.77 -10.74
N GLU E 10 -4.67 -8.06 -11.79
CA GLU E 10 -4.22 -6.68 -11.62
C GLU E 10 -5.36 -5.70 -11.28
N LEU E 11 -6.56 -5.90 -11.82
CA LEU E 11 -7.70 -5.11 -11.39
C LEU E 11 -8.04 -5.28 -9.87
N LEU E 12 -8.05 -6.52 -9.40
CA LEU E 12 -8.22 -6.75 -7.97
C LEU E 12 -7.13 -6.14 -7.11
N GLU E 13 -5.90 -6.19 -7.62
CA GLU E 13 -4.77 -5.55 -6.87
C GLU E 13 -5.00 -4.05 -6.74
N LEU E 14 -5.44 -3.47 -7.84
CA LEU E 14 -5.72 -2.01 -7.82
C LEU E 14 -6.92 -1.63 -6.94
N LYS E 15 -7.96 -2.46 -6.95
CA LYS E 15 -9.02 -2.30 -5.98
C LYS E 15 -8.51 -2.28 -4.53
N GLN E 16 -7.56 -3.16 -4.19
CA GLN E 16 -7.03 -3.17 -2.81
C GLN E 16 -6.29 -1.88 -2.56
N ARG E 17 -5.58 -1.41 -3.56
CA ARG E 17 -4.86 -0.12 -3.36
C ARG E 17 -5.80 1.06 -3.24
N TYR E 18 -6.89 1.08 -4.00
CA TYR E 18 -7.91 2.11 -3.75
C TYR E 18 -8.52 2.02 -2.33
N GLU E 19 -8.75 0.80 -1.82
CA GLU E 19 -9.29 0.65 -0.46
C GLU E 19 -8.26 1.17 0.56
N ALA E 20 -6.98 0.89 0.33
CA ALA E 20 -5.93 1.46 1.23
C ALA E 20 -5.91 2.98 1.16
N GLN E 21 -6.04 3.57 -0.04
CA GLN E 21 -5.99 5.04 -0.12
C GLN E 21 -7.21 5.67 0.52
N GLN E 22 -8.37 5.03 0.41
CA GLN E 22 -9.53 5.54 1.16
C GLN E 22 -9.22 5.61 2.67
N LYS E 23 -8.56 4.58 3.18
CA LYS E 23 -8.31 4.56 4.66
C LYS E 23 -7.28 5.67 5.02
N ALA E 24 -6.31 5.84 4.15
CA ALA E 24 -5.30 6.91 4.31
C ALA E 24 -5.91 8.27 4.20
N LEU E 25 -6.84 8.48 3.25
CA LEU E 25 -7.57 9.77 3.20
C LEU E 25 -8.25 10.02 4.53
N ALA E 26 -8.81 8.98 5.11
CA ALA E 26 -9.54 9.13 6.39
C ALA E 26 -8.60 9.48 7.57
N VAL E 27 -7.45 8.84 7.59
CA VAL E 27 -6.41 9.16 8.60
C VAL E 27 -6.00 10.62 8.50
N LEU E 28 -5.75 11.08 7.28
CA LEU E 28 -5.31 12.43 7.07
C LEU E 28 -6.46 13.39 7.45
N GLU E 29 -7.72 13.02 7.14
CA GLU E 29 -8.88 13.85 7.54
C GLU E 29 -8.95 14.08 9.07
N GLN E 30 -8.70 13.03 9.80
CA GLN E 30 -8.68 13.14 11.27
C GLN E 30 -7.50 13.95 11.76
N ARG E 31 -6.37 13.86 11.07
CA ARG E 31 -5.20 14.74 11.43
C ARG E 31 -5.47 16.22 11.27
N VAL E 32 -6.12 16.56 10.16
CA VAL E 32 -6.59 17.93 9.89
C VAL E 32 -7.56 18.36 10.99
N ARG E 33 -8.48 17.49 11.37
CA ARG E 33 -9.47 17.85 12.41
C ARG E 33 -8.77 18.20 13.69
N GLN E 34 -7.75 17.43 14.01
CA GLN E 34 -6.97 17.69 15.18
C GLN E 34 -6.24 19.00 15.13
N VAL E 35 -5.72 19.42 13.97
CA VAL E 35 -5.12 20.75 13.90
C VAL E 35 -6.21 21.83 13.99
N GLU E 36 -7.41 21.55 13.45
CA GLU E 36 -8.59 22.42 13.65
C GLU E 36 -8.93 22.56 15.16
N ASP E 37 -8.74 21.46 15.90
CA ASP E 37 -8.85 21.30 17.41
C ASP E 37 -10.14 20.59 17.85
N ASP F 1 -11.88 -19.28 -16.24
CA ASP F 1 -13.20 -18.83 -16.82
C ASP F 1 -13.49 -17.43 -16.18
N VAL F 2 -12.76 -16.44 -16.73
CA VAL F 2 -12.94 -15.01 -16.49
C VAL F 2 -14.04 -14.42 -17.38
N ASP F 3 -14.82 -13.48 -16.86
CA ASP F 3 -15.85 -12.79 -17.66
C ASP F 3 -15.38 -11.39 -18.15
N ILE F 4 -15.21 -11.17 -19.46
CA ILE F 4 -14.65 -9.91 -19.96
C ILE F 4 -15.58 -8.68 -19.83
N GLU F 5 -16.86 -8.88 -20.02
CA GLU F 5 -17.80 -7.79 -19.77
CA GLU F 5 -17.80 -7.79 -19.77
C GLU F 5 -17.72 -7.34 -18.30
N THR F 6 -17.59 -8.30 -17.41
CA THR F 6 -17.48 -8.05 -15.95
C THR F 6 -16.18 -7.23 -15.70
N LEU F 7 -15.05 -7.69 -16.22
CA LEU F 7 -13.79 -6.87 -16.14
CA LEU F 7 -13.80 -6.89 -16.16
C LEU F 7 -13.97 -5.42 -16.58
N LYS F 8 -14.60 -5.20 -17.75
CA LYS F 8 -14.81 -3.85 -18.26
C LYS F 8 -15.73 -3.07 -17.32
N GLN F 9 -16.78 -3.73 -16.85
CA GLN F 9 -17.68 -3.05 -15.87
C GLN F 9 -16.96 -2.62 -14.60
N GLU F 10 -16.19 -3.55 -14.05
CA GLU F 10 -15.42 -3.27 -12.82
C GLU F 10 -14.32 -2.22 -13.00
N LEU F 11 -13.63 -2.24 -14.16
CA LEU F 11 -12.71 -1.16 -14.43
C LEU F 11 -13.38 0.23 -14.45
N LEU F 12 -14.50 0.36 -15.15
CA LEU F 12 -15.28 1.56 -15.06
C LEU F 12 -15.71 1.96 -13.66
N GLU F 13 -16.10 0.98 -12.88
CA GLU F 13 -16.50 1.29 -11.47
C GLU F 13 -15.31 1.91 -10.68
N LEU F 14 -14.14 1.36 -10.91
CA LEU F 14 -12.95 1.87 -10.23
C LEU F 14 -12.50 3.23 -10.74
N LYS F 15 -12.63 3.46 -12.04
CA LYS F 15 -12.48 4.80 -12.54
C LYS F 15 -13.38 5.82 -11.76
N GLN F 16 -14.63 5.47 -11.50
CA GLN F 16 -15.54 6.43 -10.83
C GLN F 16 -15.04 6.62 -9.40
N ARG F 17 -14.55 5.55 -8.79
CA ARG F 17 -13.99 5.70 -7.44
C ARG F 17 -12.75 6.53 -7.37
N TYR F 18 -11.83 6.36 -8.34
CA TYR F 18 -10.70 7.27 -8.54
C TYR F 18 -11.16 8.74 -8.61
N GLU F 19 -12.17 9.01 -9.41
CA GLU F 19 -12.65 10.35 -9.58
C GLU F 19 -13.19 10.90 -8.29
N ALA F 20 -13.95 10.09 -7.55
CA ALA F 20 -14.43 10.52 -6.22
C ALA F 20 -13.26 10.83 -5.26
N GLN F 21 -12.21 10.00 -5.29
CA GLN F 21 -11.07 10.28 -4.42
C GLN F 21 -10.34 11.53 -4.82
N GLN F 22 -10.23 11.80 -6.13
CA GLN F 22 -9.62 13.09 -6.53
C GLN F 22 -10.43 14.22 -5.89
N LYS F 23 -11.77 14.15 -5.99
CA LYS F 23 -12.59 15.26 -5.45
C LYS F 23 -12.44 15.39 -3.89
N ALA F 24 -12.33 14.26 -3.24
CA ALA F 24 -12.07 14.24 -1.77
C ALA F 24 -10.73 14.77 -1.39
N LEU F 25 -9.68 14.41 -2.16
CA LEU F 25 -8.34 15.02 -1.95
C LEU F 25 -8.43 16.56 -2.06
N ALA F 26 -9.22 17.02 -3.00
CA ALA F 26 -9.39 18.47 -3.23
C ALA F 26 -10.10 19.19 -2.05
N VAL F 27 -11.11 18.52 -1.51
CA VAL F 27 -11.80 19.00 -0.30
C VAL F 27 -10.84 19.09 0.86
N LEU F 28 -10.06 18.04 1.06
CA LEU F 28 -9.12 18.02 2.19
C LEU F 28 -8.11 19.11 1.99
N GLU F 29 -7.67 19.31 0.76
CA GLU F 29 -6.66 20.35 0.47
C GLU F 29 -7.15 21.73 0.90
N GLN F 30 -8.39 22.02 0.57
CA GLN F 30 -9.00 23.31 0.99
C GLN F 30 -9.16 23.38 2.49
N ARG F 31 -9.47 22.27 3.13
CA ARG F 31 -9.55 22.28 4.61
C ARG F 31 -8.23 22.59 5.28
N VAL F 32 -7.15 21.99 4.79
CA VAL F 32 -5.78 22.31 5.24
C VAL F 32 -5.47 23.79 5.00
N ARG F 33 -5.86 24.32 3.85
CA ARG F 33 -5.59 25.74 3.56
C ARG F 33 -6.31 26.65 4.53
N GLN F 34 -7.54 26.26 4.90
CA GLN F 34 -8.28 27.11 5.80
CA GLN F 34 -8.36 27.01 5.84
C GLN F 34 -7.67 27.09 7.20
N VAL F 35 -6.84 26.07 7.50
CA VAL F 35 -6.08 26.00 8.74
C VAL F 35 -4.77 26.78 8.60
N GLU F 36 -4.06 26.62 7.47
CA GLU F 36 -2.82 27.34 7.17
C GLU F 36 -2.98 28.88 7.29
N ASP F 37 -4.17 29.39 6.96
CA ASP F 37 -4.44 30.83 7.08
C ASP F 37 -5.81 31.12 7.71
ZN ZN G . 3.72 9.49 6.52
ZN ZN H . 4.97 17.83 14.75
ZN ZN I . -1.48 -20.58 4.08
NA NA J . -8.13 -18.33 6.19
ZN ZN K . -0.01 -3.83 19.70
NA NA L . 14.10 -24.32 -12.30
NA NA M . 18.29 -16.24 0.49
NA NA N . 13.70 -19.43 -0.25
NA NA O . 16.28 -15.76 -0.65
C1 IPA P . 23.76 1.94 24.93
C2 IPA P . 22.66 2.91 24.45
C3 IPA P . 22.17 2.58 23.05
O2 IPA P . 21.54 2.87 25.32
ZN ZN Q . -5.81 7.72 -19.04
NA NA R . -8.05 4.50 -17.30
ZN ZN S . -15.39 12.73 7.14
ZN ZN T . 0.43 -7.31 -9.87
ZN ZN U . -18.92 -4.02 -9.34
ZN ZN V . -4.18 22.61 -5.23
ZN ZN W . -14.69 8.56 -15.95
ZN ZN X . -2.35 30.68 3.13
#